data_6SLR
#
_entry.id   6SLR
#
_cell.length_a   75.707
_cell.length_b   75.707
_cell.length_c   95.475
_cell.angle_alpha   90.000
_cell.angle_beta   90.000
_cell.angle_gamma   120.000
#
_symmetry.space_group_name_H-M   'P 32 2 1'
#
loop_
_entity.id
_entity.type
_entity.pdbx_description
1 polymer Prosaposin
2 non-polymer GLYCEROL
3 non-polymer 2-[trans-4-(4-chlorophenyl)cyclohexyl]-3-hydroxynaphthalene-1,4-dione
4 water water
#
_entity_poly.entity_id   1
_entity_poly.type   'polypeptide(L)'
_entity_poly.pdbx_seq_one_letter_code
;GASGDVCQDCIQMVTDIQTAVRTNSTFVQALVEHVKEECDRLGPGMADICKNYISQYSEIAIQMMMHMQPKEICALVGFC
D
;
_entity_poly.pdbx_strand_id   A,B,C
#
loop_
_chem_comp.id
_chem_comp.type
_chem_comp.name
_chem_comp.formula
AOQ non-polymer 2-[trans-4-(4-chlorophenyl)cyclohexyl]-3-hydroxynaphthalene-1,4-dione 'C22 H19 Cl O3'
GOL non-polymer GLYCEROL 'C3 H8 O3'
#
# COMPACT_ATOMS: atom_id res chain seq x y z
N SER A 3 0.44 0.31 -19.22
CA SER A 3 0.46 0.78 -17.82
C SER A 3 0.38 -0.42 -16.86
N GLY A 4 1.27 -0.46 -15.86
CA GLY A 4 1.31 -1.49 -14.81
C GLY A 4 0.09 -1.44 -13.89
N ASP A 5 -0.43 -0.23 -13.64
CA ASP A 5 -1.67 -0.01 -12.86
C ASP A 5 -2.84 -0.70 -13.55
N VAL A 6 -3.02 -0.46 -14.84
CA VAL A 6 -4.12 -1.07 -15.66
C VAL A 6 -4.00 -2.59 -15.59
N CYS A 7 -2.79 -3.15 -15.74
CA CYS A 7 -2.58 -4.61 -15.72
C CYS A 7 -3.09 -5.19 -14.39
N GLN A 8 -2.65 -4.63 -13.26
CA GLN A 8 -3.04 -5.10 -11.91
C GLN A 8 -4.56 -4.92 -11.69
N ASP A 9 -5.11 -3.79 -12.12
CA ASP A 9 -6.58 -3.51 -12.06
C ASP A 9 -7.32 -4.63 -12.79
N CYS A 10 -6.86 -4.99 -13.98
CA CYS A 10 -7.50 -6.03 -14.82
C CYS A 10 -7.44 -7.39 -14.08
N ILE A 11 -6.29 -7.75 -13.52
CA ILE A 11 -6.12 -9.02 -12.76
C ILE A 11 -7.11 -9.04 -11.58
N GLN A 12 -7.20 -7.93 -10.83
CA GLN A 12 -8.12 -7.81 -9.67
C GLN A 12 -9.56 -8.00 -10.19
N MET A 13 -9.98 -7.25 -11.22
CA MET A 13 -11.35 -7.31 -11.79
C MET A 13 -11.68 -8.74 -12.26
N VAL A 14 -10.80 -9.37 -13.02
CA VAL A 14 -11.12 -10.70 -13.63
C VAL A 14 -11.21 -11.74 -12.51
N THR A 15 -10.33 -11.68 -11.51
CA THR A 15 -10.40 -12.57 -10.32
C THR A 15 -11.79 -12.46 -9.67
N ASP A 16 -12.29 -11.23 -9.48
CA ASP A 16 -13.58 -10.99 -8.81
C ASP A 16 -14.72 -11.44 -9.74
N ILE A 17 -14.57 -11.31 -11.05
CA ILE A 17 -15.59 -11.81 -12.03
C ILE A 17 -15.72 -13.34 -11.86
N GLN A 18 -14.60 -14.04 -11.78
CA GLN A 18 -14.60 -15.53 -11.66
C GLN A 18 -15.27 -15.89 -10.33
N THR A 19 -14.95 -15.19 -9.24
CA THR A 19 -15.62 -15.36 -7.93
C THR A 19 -17.13 -15.19 -8.11
N ALA A 20 -17.54 -14.13 -8.81
CA ALA A 20 -18.96 -13.79 -9.05
C ALA A 20 -19.65 -14.94 -9.77
N VAL A 21 -19.02 -15.43 -10.85
CA VAL A 21 -19.60 -16.52 -11.69
C VAL A 21 -19.78 -17.76 -10.81
N ARG A 22 -18.87 -18.03 -9.88
CA ARG A 22 -18.88 -19.28 -9.08
C ARG A 22 -19.89 -19.15 -7.93
N THR A 23 -20.14 -17.95 -7.42
CA THR A 23 -20.95 -17.77 -6.19
C THR A 23 -22.30 -17.09 -6.46
N ASN A 24 -22.51 -16.50 -7.64
CA ASN A 24 -23.78 -15.79 -8.01
C ASN A 24 -24.38 -16.45 -9.26
N SER A 25 -25.46 -17.21 -9.09
CA SER A 25 -26.03 -18.07 -10.16
C SER A 25 -26.85 -17.26 -11.17
N THR A 26 -26.97 -15.94 -10.99
CA THR A 26 -27.69 -15.06 -11.96
C THR A 26 -26.70 -14.13 -12.70
N PHE A 27 -25.45 -14.04 -12.26
CA PHE A 27 -24.44 -13.07 -12.75
C PHE A 27 -24.26 -13.18 -14.27
N VAL A 28 -23.85 -14.35 -14.76
CA VAL A 28 -23.61 -14.59 -16.22
C VAL A 28 -24.87 -14.26 -17.03
N GLN A 29 -26.02 -14.83 -16.65
CA GLN A 29 -27.32 -14.62 -17.34
C GLN A 29 -27.57 -13.11 -17.50
N ALA A 30 -27.49 -12.35 -16.41
CA ALA A 30 -27.76 -10.89 -16.39
C ALA A 30 -26.80 -10.16 -17.33
N LEU A 31 -25.50 -10.45 -17.26
CA LEU A 31 -24.49 -9.79 -18.11
C LEU A 31 -24.81 -10.04 -19.57
N VAL A 32 -25.06 -11.29 -19.94
CA VAL A 32 -25.32 -11.69 -21.37
C VAL A 32 -26.56 -10.94 -21.88
N GLU A 33 -27.61 -10.83 -21.06
CA GLU A 33 -28.87 -10.17 -21.46
C GLU A 33 -28.61 -8.66 -21.58
N HIS A 34 -27.87 -8.08 -20.66
CA HIS A 34 -27.49 -6.65 -20.68
C HIS A 34 -26.81 -6.32 -22.01
N VAL A 35 -25.82 -7.13 -22.38
CA VAL A 35 -24.98 -6.89 -23.58
C VAL A 35 -25.88 -6.98 -24.83
N LYS A 36 -26.82 -7.92 -24.86
CA LYS A 36 -27.80 -8.06 -25.96
C LYS A 36 -28.64 -6.78 -26.09
N GLU A 37 -29.07 -6.20 -24.97
CA GLU A 37 -29.87 -4.95 -24.94
C GLU A 37 -29.06 -3.80 -25.55
N GLU A 38 -27.74 -3.76 -25.29
CA GLU A 38 -26.84 -2.68 -25.77
C GLU A 38 -26.70 -2.73 -27.29
N CYS A 39 -26.94 -3.90 -27.91
CA CYS A 39 -26.96 -4.05 -29.39
C CYS A 39 -27.93 -3.03 -30.03
N ASP A 40 -28.96 -2.59 -29.30
CA ASP A 40 -30.00 -1.66 -29.81
C ASP A 40 -29.39 -0.29 -30.16
N ARG A 41 -28.26 0.09 -29.55
CA ARG A 41 -27.58 1.39 -29.80
C ARG A 41 -26.99 1.48 -31.21
N LEU A 42 -26.87 0.33 -31.89
CA LEU A 42 -26.27 0.22 -33.24
C LEU A 42 -27.33 0.51 -34.32
N GLY A 43 -28.60 0.43 -33.97
CA GLY A 43 -29.63 0.68 -35.01
C GLY A 43 -30.46 -0.55 -35.29
N PRO A 44 -31.50 -0.45 -36.14
CA PRO A 44 -32.42 -1.55 -36.42
C PRO A 44 -31.90 -2.83 -37.10
N GLY A 45 -31.07 -2.69 -38.13
CA GLY A 45 -30.62 -3.90 -38.84
C GLY A 45 -29.40 -4.50 -38.21
N MET A 46 -28.46 -3.63 -37.85
CA MET A 46 -27.17 -4.01 -37.25
C MET A 46 -27.36 -4.58 -35.84
N ALA A 47 -28.53 -4.36 -35.21
CA ALA A 47 -28.83 -4.76 -33.81
C ALA A 47 -29.07 -6.27 -33.70
N ASP A 48 -29.92 -6.82 -34.57
CA ASP A 48 -30.28 -8.27 -34.56
C ASP A 48 -29.05 -9.09 -34.93
N ILE A 49 -28.26 -8.58 -35.89
CA ILE A 49 -26.91 -9.13 -36.23
C ILE A 49 -26.11 -9.26 -34.93
N CYS A 50 -25.94 -8.14 -34.21
CA CYS A 50 -25.18 -8.04 -32.93
C CYS A 50 -25.72 -9.06 -31.92
N LYS A 51 -27.05 -9.15 -31.77
CA LYS A 51 -27.71 -10.04 -30.78
C LYS A 51 -27.37 -11.49 -31.11
N ASN A 52 -27.50 -11.88 -32.38
CA ASN A 52 -27.20 -13.24 -32.89
C ASN A 52 -25.74 -13.60 -32.59
N TYR A 53 -24.81 -12.68 -32.85
CA TYR A 53 -23.35 -12.84 -32.59
C TYR A 53 -23.14 -13.19 -31.11
N ILE A 54 -23.77 -12.44 -30.20
CA ILE A 54 -23.69 -12.65 -28.72
C ILE A 54 -24.25 -14.04 -28.41
N SER A 55 -25.45 -14.33 -28.94
CA SER A 55 -26.21 -15.57 -28.67
C SER A 55 -25.37 -16.80 -29.00
N GLN A 56 -24.48 -16.72 -30.00
CA GLN A 56 -23.73 -17.89 -30.52
C GLN A 56 -22.34 -17.97 -29.87
N TYR A 57 -21.78 -16.86 -29.40
CA TYR A 57 -20.38 -16.82 -28.88
C TYR A 57 -20.33 -16.80 -27.34
N SER A 58 -21.45 -16.56 -26.65
CA SER A 58 -21.42 -16.22 -25.19
C SER A 58 -20.97 -17.44 -24.38
N GLU A 59 -21.62 -18.59 -24.56
CA GLU A 59 -21.29 -19.87 -23.88
C GLU A 59 -19.78 -20.12 -24.00
N ILE A 60 -19.25 -20.16 -25.23
CA ILE A 60 -17.83 -20.47 -25.53
C ILE A 60 -16.95 -19.45 -24.77
N ALA A 61 -17.28 -18.16 -24.90
CA ALA A 61 -16.55 -17.03 -24.29
C ALA A 61 -16.48 -17.20 -22.77
N ILE A 62 -17.61 -17.51 -22.13
CA ILE A 62 -17.71 -17.67 -20.65
C ILE A 62 -16.83 -18.85 -20.22
N GLN A 63 -16.99 -20.00 -20.90
CA GLN A 63 -16.29 -21.26 -20.54
C GLN A 63 -14.79 -21.02 -20.66
N MET A 64 -14.36 -20.51 -21.81
CA MET A 64 -12.93 -20.20 -22.06
C MET A 64 -12.45 -19.33 -20.91
N MET A 65 -13.14 -18.23 -20.67
CA MET A 65 -12.84 -17.26 -19.60
C MET A 65 -12.71 -17.96 -18.24
N MET A 66 -13.61 -18.90 -17.89
CA MET A 66 -13.61 -19.53 -16.54
C MET A 66 -12.50 -20.57 -16.40
N HIS A 67 -11.92 -21.07 -17.49
CA HIS A 67 -10.84 -22.10 -17.44
C HIS A 67 -9.48 -21.45 -17.70
N MET A 68 -9.44 -20.11 -17.76
CA MET A 68 -8.19 -19.33 -17.95
C MET A 68 -7.87 -18.59 -16.64
N GLN A 69 -6.58 -18.39 -16.38
CA GLN A 69 -6.08 -17.55 -15.26
C GLN A 69 -6.33 -16.07 -15.55
N PRO A 70 -6.61 -15.25 -14.52
CA PRO A 70 -6.82 -13.81 -14.73
C PRO A 70 -5.72 -13.14 -15.56
N LYS A 71 -4.45 -13.45 -15.27
CA LYS A 71 -3.27 -12.89 -15.98
C LYS A 71 -3.39 -13.20 -17.48
N GLU A 72 -3.78 -14.44 -17.79
CA GLU A 72 -3.92 -14.96 -19.18
C GLU A 72 -5.00 -14.15 -19.91
N ILE A 73 -6.12 -13.91 -19.25
CA ILE A 73 -7.28 -13.16 -19.83
C ILE A 73 -6.83 -11.73 -20.10
N CYS A 74 -6.16 -11.10 -19.13
CA CYS A 74 -5.71 -9.69 -19.20
C CYS A 74 -4.65 -9.53 -20.30
N ALA A 75 -3.71 -10.47 -20.39
CA ALA A 75 -2.74 -10.53 -21.51
C ALA A 75 -3.48 -10.69 -22.84
N LEU A 76 -4.48 -11.58 -22.90
CA LEU A 76 -5.26 -11.85 -24.13
C LEU A 76 -5.90 -10.54 -24.62
N VAL A 77 -6.50 -9.76 -23.73
CA VAL A 77 -7.19 -8.49 -24.11
C VAL A 77 -6.16 -7.38 -24.36
N GLY A 78 -4.94 -7.50 -23.81
CA GLY A 78 -3.83 -6.57 -24.09
C GLY A 78 -3.59 -5.56 -22.97
N PHE A 79 -4.24 -5.70 -21.81
CA PHE A 79 -4.04 -4.84 -20.63
C PHE A 79 -2.83 -5.29 -19.79
N CYS A 80 -2.28 -6.47 -20.05
CA CYS A 80 -1.05 -7.00 -19.39
C CYS A 80 -0.03 -7.42 -20.46
N ASP A 81 1.27 -7.23 -20.17
CA ASP A 81 2.47 -7.44 -21.05
C ASP A 81 2.84 -6.12 -21.74
N GLY B 1 52.80 10.53 50.23
CA GLY B 1 51.85 9.59 50.91
C GLY B 1 50.55 9.46 50.14
N ALA B 2 50.06 8.24 49.97
CA ALA B 2 48.78 7.95 49.30
C ALA B 2 47.65 8.69 50.04
N SER B 3 47.66 8.68 51.37
CA SER B 3 46.71 9.41 52.26
C SER B 3 46.52 10.87 51.79
N GLY B 4 47.62 11.58 51.57
CA GLY B 4 47.64 12.99 51.16
C GLY B 4 47.22 13.19 49.71
N ASP B 5 47.27 12.16 48.87
CA ASP B 5 46.87 12.22 47.43
C ASP B 5 45.33 12.13 47.25
N VAL B 6 44.61 11.61 48.25
CA VAL B 6 43.17 11.24 48.09
C VAL B 6 42.37 12.50 47.71
N CYS B 7 42.64 13.62 48.36
CA CYS B 7 41.92 14.89 48.12
C CYS B 7 42.02 15.28 46.65
N GLN B 8 43.23 15.34 46.10
CA GLN B 8 43.44 15.74 44.69
C GLN B 8 42.82 14.71 43.74
N ASP B 9 42.93 13.41 44.05
CA ASP B 9 42.27 12.34 43.27
C ASP B 9 40.75 12.60 43.18
N CYS B 10 40.14 12.93 44.31
CA CYS B 10 38.68 13.20 44.39
C CYS B 10 38.35 14.44 43.53
N ILE B 11 39.13 15.50 43.65
CA ILE B 11 38.94 16.74 42.82
C ILE B 11 39.02 16.39 41.34
N GLN B 12 40.01 15.60 40.92
CA GLN B 12 40.17 15.19 39.49
C GLN B 12 38.89 14.47 39.04
N MET B 13 38.46 13.43 39.79
CA MET B 13 37.23 12.66 39.46
C MET B 13 35.99 13.58 39.38
N VAL B 14 35.78 14.42 40.39
CA VAL B 14 34.52 15.22 40.48
C VAL B 14 34.51 16.27 39.35
N THR B 15 35.66 16.85 39.02
CA THR B 15 35.80 17.79 37.88
C THR B 15 35.34 17.10 36.59
N ASP B 16 35.79 15.87 36.35
CA ASP B 16 35.41 15.10 35.14
C ASP B 16 33.92 14.75 35.17
N ILE B 17 33.38 14.46 36.35
CA ILE B 17 31.93 14.15 36.49
C ILE B 17 31.10 15.37 36.07
N GLN B 18 31.49 16.56 36.53
CA GLN B 18 30.73 17.80 36.23
C GLN B 18 30.82 18.07 34.73
N THR B 19 32.00 17.89 34.13
CA THR B 19 32.17 18.02 32.66
C THR B 19 31.23 17.03 31.98
N ALA B 20 31.15 15.79 32.46
CA ALA B 20 30.31 14.71 31.89
C ALA B 20 28.85 15.15 31.93
N VAL B 21 28.40 15.65 33.08
CA VAL B 21 26.99 16.08 33.26
C VAL B 21 26.66 17.20 32.25
N ARG B 22 27.61 18.07 31.94
CA ARG B 22 27.36 19.23 31.03
C ARG B 22 27.44 18.78 29.56
N THR B 23 28.23 17.77 29.23
CA THR B 23 28.57 17.44 27.81
C THR B 23 28.00 16.08 27.38
N ASN B 24 27.53 15.22 28.28
CA ASN B 24 27.04 13.84 27.97
C ASN B 24 25.60 13.69 28.45
N SER B 25 24.65 13.69 27.53
CA SER B 25 23.19 13.74 27.83
C SER B 25 22.66 12.39 28.32
N THR B 26 23.48 11.33 28.39
CA THR B 26 23.06 9.98 28.85
C THR B 26 23.76 9.63 30.17
N PHE B 27 24.75 10.41 30.59
CA PHE B 27 25.60 10.11 31.78
C PHE B 27 24.73 9.99 33.03
N VAL B 28 24.01 11.06 33.35
CA VAL B 28 23.14 11.16 34.58
C VAL B 28 22.13 10.01 34.57
N GLN B 29 21.39 9.84 33.46
CA GLN B 29 20.35 8.78 33.30
C GLN B 29 20.94 7.42 33.70
N ALA B 30 22.08 7.05 33.10
CA ALA B 30 22.74 5.74 33.29
C ALA B 30 23.12 5.57 34.77
N LEU B 31 23.75 6.58 35.36
CA LEU B 31 24.22 6.52 36.76
C LEU B 31 23.02 6.27 37.68
N VAL B 32 21.96 7.06 37.51
CA VAL B 32 20.76 6.99 38.41
C VAL B 32 20.15 5.60 38.30
N GLU B 33 20.05 5.03 37.09
CA GLU B 33 19.44 3.69 36.89
C GLU B 33 20.34 2.63 37.53
N HIS B 34 21.65 2.74 37.34
CA HIS B 34 22.64 1.80 37.92
C HIS B 34 22.45 1.75 39.44
N VAL B 35 22.41 2.92 40.08
CA VAL B 35 22.37 3.03 41.55
C VAL B 35 21.06 2.40 42.06
N LYS B 36 19.96 2.60 41.34
CA LYS B 36 18.65 1.99 41.68
C LYS B 36 18.78 0.46 41.69
N GLU B 37 19.49 -0.12 40.70
CA GLU B 37 19.68 -1.59 40.58
C GLU B 37 20.45 -2.11 41.80
N GLU B 38 21.42 -1.34 42.28
CA GLU B 38 22.30 -1.73 43.40
C GLU B 38 21.51 -1.80 44.71
N CYS B 39 20.36 -1.11 44.81
CA CYS B 39 19.42 -1.20 45.96
C CYS B 39 19.09 -2.68 46.28
N ASP B 40 19.14 -3.57 45.29
CA ASP B 40 18.81 -5.02 45.43
C ASP B 40 19.74 -5.70 46.43
N ARG B 41 20.96 -5.21 46.61
CA ARG B 41 21.98 -5.85 47.49
C ARG B 41 21.63 -5.71 48.97
N LEU B 42 20.68 -4.82 49.33
CA LEU B 42 20.15 -4.66 50.72
C LEU B 42 19.08 -5.71 50.98
N GLY B 43 18.55 -6.32 49.91
CA GLY B 43 17.69 -7.50 49.98
C GLY B 43 16.21 -7.12 50.08
N PRO B 44 15.34 -8.13 50.28
CA PRO B 44 13.89 -7.94 50.31
C PRO B 44 13.44 -6.73 51.16
N GLY B 45 12.37 -6.05 50.75
CA GLY B 45 11.73 -4.96 51.50
C GLY B 45 12.57 -3.68 51.49
N MET B 46 13.82 -3.76 51.97
CA MET B 46 14.73 -2.61 52.13
C MET B 46 15.13 -2.06 50.75
N ALA B 47 14.98 -2.83 49.67
CA ALA B 47 15.38 -2.48 48.29
C ALA B 47 14.44 -1.42 47.68
N ASP B 48 13.13 -1.63 47.77
CA ASP B 48 12.11 -0.71 47.17
C ASP B 48 12.14 0.61 47.93
N ILE B 49 12.34 0.56 49.25
CA ILE B 49 12.62 1.75 50.11
C ILE B 49 13.77 2.53 49.47
N CYS B 50 14.92 1.88 49.28
CA CYS B 50 16.17 2.44 48.69
C CYS B 50 15.85 3.06 47.32
N LYS B 51 15.11 2.34 46.47
CA LYS B 51 14.79 2.77 45.08
C LYS B 51 13.99 4.07 45.14
N ASN B 52 12.94 4.10 45.98
CA ASN B 52 12.04 5.27 46.18
C ASN B 52 12.87 6.48 46.63
N TYR B 53 13.78 6.30 47.60
CA TYR B 53 14.67 7.36 48.12
C TYR B 53 15.46 7.99 46.96
N ILE B 54 16.06 7.17 46.10
CA ILE B 54 16.85 7.65 44.91
C ILE B 54 15.89 8.39 43.97
N SER B 55 14.75 7.77 43.67
CA SER B 55 13.74 8.27 42.69
CA SER B 55 13.74 8.27 42.69
C SER B 55 13.30 9.70 43.08
N GLN B 56 13.26 10.02 44.37
CA GLN B 56 12.72 11.32 44.86
C GLN B 56 13.86 12.35 45.00
N TYR B 57 15.09 11.93 45.28
CA TYR B 57 16.17 12.84 45.73
C TYR B 57 17.21 13.07 44.61
N SER B 58 17.20 12.30 43.51
CA SER B 58 18.36 12.26 42.57
C SER B 58 18.53 13.60 41.84
N GLU B 59 17.47 14.10 41.20
CA GLU B 59 17.48 15.39 40.45
C GLU B 59 18.02 16.49 41.36
N ILE B 60 17.45 16.64 42.56
CA ILE B 60 17.83 17.70 43.53
C ILE B 60 19.32 17.53 43.89
N ALA B 61 19.74 16.30 44.19
CA ALA B 61 21.12 15.95 44.57
C ALA B 61 22.09 16.31 43.44
N ILE B 62 21.74 16.02 42.19
CA ILE B 62 22.59 16.32 41.00
C ILE B 62 22.73 17.84 40.85
N GLN B 63 21.61 18.57 40.90
CA GLN B 63 21.59 20.05 40.74
C GLN B 63 22.46 20.68 41.83
N MET B 64 22.21 20.30 43.08
CA MET B 64 23.01 20.79 44.24
CA MET B 64 23.00 20.78 44.24
C MET B 64 24.48 20.54 43.92
N MET B 65 24.82 19.30 43.59
CA MET B 65 26.19 18.86 43.23
C MET B 65 26.77 19.75 42.12
N MET B 66 25.99 20.11 41.10
CA MET B 66 26.49 20.88 39.93
C MET B 66 26.73 22.36 40.26
N HIS B 67 26.18 22.86 41.36
CA HIS B 67 26.37 24.28 41.78
C HIS B 67 27.43 24.40 42.88
N MET B 68 28.15 23.30 43.16
CA MET B 68 29.26 23.27 44.15
C MET B 68 30.58 23.03 43.38
N GLN B 69 31.69 23.54 43.92
CA GLN B 69 33.06 23.27 43.43
C GLN B 69 33.48 21.83 43.79
N PRO B 70 34.30 21.18 42.95
CA PRO B 70 34.83 19.85 43.26
C PRO B 70 35.39 19.71 44.68
N LYS B 71 36.19 20.67 45.13
CA LYS B 71 36.83 20.68 46.48
C LYS B 71 35.74 20.60 47.54
N GLU B 72 34.65 21.37 47.34
CA GLU B 72 33.52 21.48 48.29
C GLU B 72 32.83 20.12 48.39
N ILE B 73 32.61 19.46 47.26
CA ILE B 73 31.95 18.12 47.22
C ILE B 73 32.83 17.10 47.95
N CYS B 74 34.13 17.12 47.65
CA CYS B 74 35.14 16.19 48.22
C CYS B 74 35.27 16.43 49.73
N ALA B 75 35.30 17.67 50.17
CA ALA B 75 35.26 18.05 51.61
C ALA B 75 33.97 17.54 52.23
N LEU B 76 32.83 17.71 51.56
CA LEU B 76 31.52 17.24 52.06
C LEU B 76 31.58 15.73 52.34
N VAL B 77 32.13 14.94 51.44
CA VAL B 77 32.21 13.45 51.60
C VAL B 77 33.34 13.09 52.59
N GLY B 78 34.31 13.96 52.82
CA GLY B 78 35.38 13.78 53.83
C GLY B 78 36.73 13.39 53.23
N PHE B 79 36.89 13.39 51.92
CA PHE B 79 38.17 13.08 51.22
C PHE B 79 39.08 14.32 51.11
N CYS B 80 38.60 15.53 51.44
CA CYS B 80 39.41 16.78 51.44
C CYS B 80 39.32 17.47 52.80
N ASP B 81 40.45 18.03 53.25
CA ASP B 81 40.74 18.66 54.57
C ASP B 81 41.39 17.61 55.49
N GLY C 1 -21.70 -7.31 -2.22
CA GLY C 1 -21.38 -8.70 -2.58
C GLY C 1 -20.42 -8.77 -3.74
N ALA C 2 -20.25 -9.94 -4.32
CA ALA C 2 -19.27 -10.17 -5.42
C ALA C 2 -19.59 -9.24 -6.61
N SER C 3 -20.87 -9.11 -7.01
CA SER C 3 -21.32 -8.20 -8.11
C SER C 3 -20.81 -6.78 -7.90
N GLY C 4 -20.94 -6.24 -6.67
CA GLY C 4 -20.51 -4.87 -6.32
C GLY C 4 -19.00 -4.72 -6.32
N ASP C 5 -18.28 -5.80 -6.03
CA ASP C 5 -16.80 -5.84 -6.07
C ASP C 5 -16.34 -5.65 -7.52
N VAL C 6 -16.93 -6.39 -8.45
CA VAL C 6 -16.64 -6.27 -9.92
C VAL C 6 -16.91 -4.83 -10.37
N CYS C 7 -18.01 -4.22 -9.96
CA CYS C 7 -18.38 -2.83 -10.35
C CYS C 7 -17.24 -1.87 -9.93
N GLN C 8 -16.83 -1.89 -8.66
CA GLN C 8 -15.77 -1.00 -8.13
C GLN C 8 -14.44 -1.27 -8.85
N ASP C 9 -14.11 -2.55 -9.07
CA ASP C 9 -12.90 -2.96 -9.83
C ASP C 9 -12.92 -2.33 -11.22
N CYS C 10 -14.06 -2.41 -11.90
CA CYS C 10 -14.23 -1.85 -13.27
C CYS C 10 -14.00 -0.33 -13.24
N ILE C 11 -14.60 0.37 -12.28
CA ILE C 11 -14.43 1.84 -12.14
C ILE C 11 -12.94 2.17 -11.95
N GLN C 12 -12.26 1.43 -11.06
CA GLN C 12 -10.82 1.63 -10.81
C GLN C 12 -10.04 1.43 -12.12
N MET C 13 -10.24 0.30 -12.80
CA MET C 13 -9.54 -0.04 -14.07
C MET C 13 -9.80 1.04 -15.13
N VAL C 14 -11.04 1.45 -15.34
CA VAL C 14 -11.36 2.41 -16.44
C VAL C 14 -10.75 3.77 -16.11
N THR C 15 -10.79 4.21 -14.85
CA THR C 15 -10.13 5.46 -14.40
C THR C 15 -8.63 5.42 -14.77
N ASP C 16 -7.96 4.30 -14.50
CA ASP C 16 -6.50 4.14 -14.78
C ASP C 16 -6.27 4.10 -16.30
N ILE C 17 -7.19 3.51 -17.07
CA ILE C 17 -7.11 3.50 -18.56
C ILE C 17 -7.14 4.94 -19.07
N GLN C 18 -8.05 5.76 -18.57
CA GLN C 18 -8.23 7.15 -19.02
C GLN C 18 -6.94 7.93 -18.68
N THR C 19 -6.41 7.73 -17.47
CA THR C 19 -5.12 8.34 -17.05
C THR C 19 -4.04 7.94 -18.06
N ALA C 20 -3.99 6.64 -18.41
CA ALA C 20 -2.99 6.08 -19.33
C ALA C 20 -3.09 6.77 -20.69
N VAL C 21 -4.31 6.89 -21.21
CA VAL C 21 -4.56 7.50 -22.55
C VAL C 21 -4.07 8.96 -22.52
N ARG C 22 -4.21 9.67 -21.41
CA ARG C 22 -3.82 11.11 -21.31
C ARG C 22 -2.31 11.25 -21.14
N THR C 23 -1.64 10.31 -20.48
CA THR C 23 -0.25 10.51 -19.99
C THR C 23 0.75 9.56 -20.68
N ASN C 24 0.31 8.53 -21.40
CA ASN C 24 1.19 7.48 -21.99
C ASN C 24 0.97 7.42 -23.50
N SER C 25 1.93 7.96 -24.26
CA SER C 25 1.81 8.19 -25.72
C SER C 25 1.96 6.88 -26.51
N THR C 26 2.24 5.75 -25.86
CA THR C 26 2.42 4.44 -26.54
C THR C 26 1.26 3.49 -26.18
N PHE C 27 0.49 3.81 -25.14
CA PHE C 27 -0.56 2.93 -24.56
C PHE C 27 -1.58 2.55 -25.65
N VAL C 28 -2.25 3.54 -26.22
CA VAL C 28 -3.35 3.34 -27.21
C VAL C 28 -2.81 2.55 -28.40
N GLN C 29 -1.69 3.00 -28.98
CA GLN C 29 -1.05 2.35 -30.16
C GLN C 29 -0.87 0.85 -29.89
N ALA C 30 -0.25 0.50 -28.76
CA ALA C 30 0.09 -0.89 -28.37
C ALA C 30 -1.20 -1.72 -28.26
N LEU C 31 -2.20 -1.19 -27.55
CA LEU C 31 -3.48 -1.91 -27.32
C LEU C 31 -4.12 -2.21 -28.67
N VAL C 32 -4.22 -1.20 -29.54
CA VAL C 32 -4.94 -1.32 -30.83
C VAL C 32 -4.22 -2.38 -31.68
N GLU C 33 -2.90 -2.39 -31.69
CA GLU C 33 -2.11 -3.35 -32.52
C GLU C 33 -2.31 -4.76 -31.95
N HIS C 34 -2.27 -4.90 -30.63
CA HIS C 34 -2.48 -6.20 -29.95
C HIS C 34 -3.83 -6.78 -30.37
N VAL C 35 -4.88 -5.96 -30.28
CA VAL C 35 -6.28 -6.41 -30.56
C VAL C 35 -6.37 -6.85 -32.03
N LYS C 36 -5.72 -6.12 -32.93
CA LYS C 36 -5.68 -6.48 -34.38
C LYS C 36 -5.07 -7.88 -34.55
N GLU C 37 -4.01 -8.20 -33.82
CA GLU C 37 -3.32 -9.51 -33.90
C GLU C 37 -4.27 -10.62 -33.44
N GLU C 38 -5.04 -10.35 -32.39
CA GLU C 38 -5.99 -11.32 -31.82
C GLU C 38 -7.11 -11.59 -32.82
N CYS C 39 -7.14 -10.85 -33.92
CA CYS C 39 -8.17 -11.07 -34.96
C CYS C 39 -8.01 -12.46 -35.58
N ASP C 40 -6.77 -12.94 -35.75
CA ASP C 40 -6.47 -14.26 -36.35
C ASP C 40 -7.18 -15.42 -35.63
N ARG C 41 -7.50 -15.29 -34.34
CA ARG C 41 -8.15 -16.42 -33.62
C ARG C 41 -9.53 -16.77 -34.21
N LEU C 42 -10.11 -15.88 -35.02
CA LEU C 42 -11.41 -16.10 -35.70
C LEU C 42 -11.21 -16.93 -36.98
N GLY C 43 -12.01 -17.98 -37.14
CA GLY C 43 -11.91 -18.95 -38.25
C GLY C 43 -12.63 -18.47 -39.51
N GLY C 45 -15.95 -14.00 -37.65
CA GLY C 45 -15.82 -14.07 -39.12
C GLY C 45 -14.38 -14.28 -39.55
N MET C 46 -13.96 -13.58 -40.62
CA MET C 46 -12.57 -13.63 -41.13
C MET C 46 -11.72 -12.58 -40.40
N ALA C 47 -10.41 -12.79 -40.41
CA ALA C 47 -9.39 -12.03 -39.63
C ALA C 47 -9.18 -10.64 -40.24
N ASP C 48 -8.99 -10.52 -41.55
CA ASP C 48 -8.73 -9.23 -42.23
C ASP C 48 -9.98 -8.35 -42.14
N ILE C 49 -11.15 -8.97 -42.20
CA ILE C 49 -12.42 -8.22 -42.01
C ILE C 49 -12.30 -7.55 -40.63
N CYS C 50 -11.93 -8.36 -39.65
CA CYS C 50 -11.80 -7.94 -38.23
C CYS C 50 -10.74 -6.84 -38.13
N LYS C 51 -9.60 -7.00 -38.81
CA LYS C 51 -8.51 -6.01 -38.68
C LYS C 51 -8.93 -4.66 -39.30
N ASN C 52 -9.76 -4.72 -40.33
CA ASN C 52 -10.30 -3.53 -41.03
C ASN C 52 -11.28 -2.79 -40.12
N TYR C 53 -12.20 -3.53 -39.47
CA TYR C 53 -13.21 -2.99 -38.53
C TYR C 53 -12.51 -2.18 -37.43
N ILE C 54 -11.47 -2.76 -36.81
CA ILE C 54 -10.68 -2.09 -35.73
C ILE C 54 -10.00 -0.86 -36.33
N SER C 55 -9.32 -1.03 -37.46
CA SER C 55 -8.52 0.01 -38.14
C SER C 55 -9.34 1.27 -38.38
N GLN C 56 -10.65 1.13 -38.65
CA GLN C 56 -11.51 2.26 -39.07
C GLN C 56 -12.22 2.87 -37.85
N TYR C 57 -12.47 2.10 -36.79
CA TYR C 57 -13.37 2.53 -35.69
C TYR C 57 -12.59 2.85 -34.40
N SER C 58 -11.29 2.56 -34.32
CA SER C 58 -10.55 2.58 -33.02
C SER C 58 -10.45 4.02 -32.46
N GLU C 59 -9.96 4.97 -33.26
CA GLU C 59 -9.83 6.40 -32.85
C GLU C 59 -11.16 6.91 -32.31
N ILE C 60 -12.24 6.74 -33.07
CA ILE C 60 -13.59 7.23 -32.68
C ILE C 60 -14.02 6.54 -31.37
N ALA C 61 -13.81 5.23 -31.26
CA ALA C 61 -14.15 4.42 -30.07
C ALA C 61 -13.40 4.93 -28.84
N ILE C 62 -12.10 5.22 -28.97
CA ILE C 62 -11.25 5.75 -27.87
C ILE C 62 -11.78 7.13 -27.43
N GLN C 63 -12.03 8.03 -28.38
CA GLN C 63 -12.51 9.41 -28.12
C GLN C 63 -13.85 9.35 -27.38
N MET C 64 -14.79 8.59 -27.92
CA MET C 64 -16.12 8.37 -27.29
C MET C 64 -15.87 7.93 -25.84
N MET C 65 -15.07 6.88 -25.67
CA MET C 65 -14.68 6.32 -24.35
C MET C 65 -14.12 7.43 -23.44
N MET C 66 -13.27 8.32 -23.96
CA MET C 66 -12.57 9.35 -23.13
C MET C 66 -13.51 10.48 -22.71
N HIS C 67 -14.68 10.62 -23.34
CA HIS C 67 -15.67 11.66 -22.99
C HIS C 67 -16.80 11.08 -22.12
N MET C 68 -16.65 9.85 -21.66
CA MET C 68 -17.60 9.19 -20.73
C MET C 68 -16.92 9.00 -19.38
N GLN C 69 -17.71 9.03 -18.29
CA GLN C 69 -17.26 8.71 -16.91
C GLN C 69 -17.00 7.21 -16.77
N PRO C 70 -16.03 6.80 -15.93
CA PRO C 70 -15.78 5.38 -15.69
C PRO C 70 -17.03 4.58 -15.36
N LYS C 71 -17.90 5.10 -14.49
CA LYS C 71 -19.15 4.40 -14.06
C LYS C 71 -20.02 4.17 -15.28
N GLU C 72 -20.10 5.15 -16.17
CA GLU C 72 -20.93 5.12 -17.41
C GLU C 72 -20.42 3.99 -18.31
N ILE C 73 -19.12 3.88 -18.47
CA ILE C 73 -18.48 2.85 -19.33
C ILE C 73 -18.78 1.46 -18.74
N CYS C 74 -18.59 1.33 -17.42
CA CYS C 74 -18.79 0.06 -16.67
C CYS C 74 -20.26 -0.37 -16.71
N ALA C 75 -21.18 0.57 -16.54
CA ALA C 75 -22.63 0.35 -16.72
C ALA C 75 -22.91 -0.10 -18.17
N LEU C 76 -22.30 0.58 -19.15
CA LEU C 76 -22.48 0.23 -20.59
C LEU C 76 -22.10 -1.24 -20.83
N VAL C 77 -20.97 -1.69 -20.28
CA VAL C 77 -20.48 -3.08 -20.50
C VAL C 77 -21.27 -4.06 -19.63
N GLY C 78 -21.89 -3.58 -18.54
CA GLY C 78 -22.78 -4.41 -17.68
C GLY C 78 -22.10 -4.87 -16.40
N PHE C 79 -20.90 -4.38 -16.07
CA PHE C 79 -20.20 -4.68 -14.80
C PHE C 79 -20.69 -3.80 -13.63
N CYS C 80 -21.45 -2.74 -13.92
CA CYS C 80 -22.09 -1.87 -12.89
C CYS C 80 -23.60 -1.81 -13.15
N ASP C 81 -24.38 -1.82 -12.05
CA ASP C 81 -25.86 -1.89 -11.95
C ASP C 81 -26.30 -3.35 -11.77
C1 GOL D . 30.13 24.99 38.50
O1 GOL D . 29.72 23.64 38.65
C2 GOL D . 31.23 25.33 39.48
O2 GOL D . 30.67 25.73 40.72
C3 GOL D . 32.20 24.17 39.69
O3 GOL D . 33.53 24.64 39.90
C1 GOL E . 33.83 20.93 36.40
O1 GOL E . 33.98 20.64 35.01
C2 GOL E . 34.47 22.25 36.79
O2 GOL E . 33.52 23.30 36.64
C3 GOL E . 35.02 22.24 38.21
O3 GOL E . 35.85 23.38 38.46
O1 AOQ F . 32.43 24.50 53.54
O2 AOQ F . 33.31 29.13 51.03
C1 AOQ F . 32.61 25.57 52.94
C2 AOQ F . 31.76 25.97 51.91
C3 AOQ F . 32.01 27.20 51.24
C4 AOQ F . 33.15 28.06 51.63
C5 AOQ F . 35.10 28.39 53.12
C6 AOQ F . 35.91 27.97 54.14
C7 AOQ F . 35.66 26.77 54.77
C8 AOQ F . 34.60 26.00 54.39
C9 AOQ F . 33.76 26.41 53.35
C10 AOQ F . 34.01 27.63 52.72
O6 AOQ F . 31.23 27.68 50.23
C11 AOQ F . 29.89 24.48 52.69
C12 AOQ F . 28.97 23.39 52.28
C13 AOQ F . 27.89 23.89 51.35
C14 AOQ F . 28.54 24.54 50.14
C15 AOQ F . 29.54 25.62 50.53
C16 AOQ F . 30.59 25.09 51.50
CL AOQ F . 24.25 19.22 50.32
C17 AOQ F . 26.97 22.72 51.06
C18 AOQ F . 26.16 22.68 49.94
C19 AOQ F . 25.32 21.61 49.71
C20 AOQ F . 25.30 20.57 50.61
C21 AOQ F . 26.08 20.59 51.72
C22 AOQ F . 26.91 21.67 51.94
O1 AOQ G . -25.73 9.18 -20.62
O1 AOQ G . -27.04 8.89 -18.89
O2 AOQ G . -28.12 5.82 -17.20
O2 AOQ G . -26.34 3.59 -19.25
C1 AOQ G . -26.26 8.38 -19.83
C1 AOQ G . -26.85 7.68 -19.01
C2 AOQ G . -26.04 6.99 -19.95
C2 AOQ G . -26.02 7.13 -20.00
C3 AOQ G . -26.69 6.10 -19.06
C3 AOQ G . -25.83 5.71 -20.09
C4 AOQ G . -27.58 6.62 -17.97
C4 AOQ G . -26.52 4.81 -19.13
C5 AOQ G . -28.61 8.61 -16.88
C5 AOQ G . -28.04 4.60 -17.18
C6 AOQ G . -28.79 9.98 -16.80
C6 AOQ G . -28.84 5.15 -16.24
C7 AOQ G . -28.15 10.81 -17.69
C7 AOQ G . -29.00 6.52 -16.18
C8 AOQ G . -27.35 10.30 -18.67
C8 AOQ G . -28.36 7.34 -17.07
C9 AOQ G . -27.15 8.91 -18.76
C9 AOQ G . -27.54 6.79 -18.05
C10 AOQ G . -27.78 8.07 -17.87
C10 AOQ G . -27.37 5.40 -18.11
O6 AOQ G . -26.52 4.76 -19.12
O6 AOQ G . -25.06 5.07 -21.02
C11 AOQ G . -24.01 7.35 -21.55
C11 AOQ G . -25.05 9.49 -20.55
C12 AOQ G . -23.51 6.92 -22.91
C12 AOQ G . -24.24 10.21 -21.62
C13 AOQ G . -22.97 5.51 -22.89
C13 AOQ G . -22.86 9.63 -21.67
C14 AOQ G . -24.11 4.58 -22.45
C14 AOQ G . -22.95 8.17 -22.04
C15 AOQ G . -24.68 4.98 -21.06
C15 AOQ G . -23.88 7.43 -21.12
C16 AOQ G . -25.15 6.45 -21.07
C16 AOQ G . -25.24 8.04 -20.95
CL AOQ G . -20.75 3.97 -28.30
CL AOQ G . -19.58 12.55 -25.76
C17 AOQ G . -22.42 5.13 -24.26
C17 AOQ G . -22.00 10.36 -22.66
C18 AOQ G . -22.54 3.84 -24.74
C18 AOQ G . -21.55 9.72 -23.79
C19 AOQ G . -22.01 3.48 -25.98
C19 AOQ G . -20.80 10.38 -24.75
C20 AOQ G . -21.38 4.43 -26.75
C20 AOQ G . -20.52 11.71 -24.57
C21 AOQ G . -21.26 5.72 -26.31
C21 AOQ G . -20.95 12.39 -23.46
C22 AOQ G . -21.78 6.07 -25.08
C22 AOQ G . -21.70 11.71 -22.51
C1 GOL H . -20.97 1.46 -35.94
O1 GOL H . -21.94 0.42 -35.98
C2 GOL H . -21.49 2.73 -36.58
O2 GOL H . -20.51 3.76 -36.46
C3 GOL H . -21.88 2.55 -38.04
O3 GOL H . -21.36 3.59 -38.86
#